data_7B43
#
_entry.id   7B43
#
_cell.length_a   42.867
_cell.length_b   59.738
_cell.length_c   77.603
_cell.angle_alpha   76.510
_cell.angle_beta   73.880
_cell.angle_gamma   69.250
#
_symmetry.space_group_name_H-M   'P 1'
#
loop_
_entity.id
_entity.type
_entity.pdbx_description
1 polymer 'Hepatocyte growth factor receptor'
2 non-polymer 3-[(4-fluorophenyl)methyl]-5-(1-piperidin-4-ylpyrazol-4-yl)-1~{H}-pyrrolo[2,3-b]pyridine
3 water water
#
_entity_poly.entity_id   1
_entity_poly.type   'polypeptide(L)'
_entity_poly.pdbx_seq_one_letter_code
;GNTVHIDLSALNPELVQAVQHVVIGPSSLIVHFNEVIGRGHFGCVYHGTLLDNDGKKIHCAVKSLNRITDIGEVSQFLTE
GIIMKDFSHPNVLSLLGICLRSEGSPLVVLPYMKHGDLRNFIRNETHNPTVKDLIGFGLQVAKGMKYLASKKFVHRDLAA
RNCMLDEKFTVKVADFGLARDMYDKEYYSVHNKTGAKLPVKWMALESLQTQKFTTKSDVWSFGVLLWELMTRGAPPYPDV
NTFDITVYLLQGRRLLQPEYCPDPLYEVMLKCWHPKAEMRPSFSELVSRISAIFSTFIG
;
_entity_poly.pdbx_strand_id   A,B
#
loop_
_chem_comp.id
_chem_comp.type
_chem_comp.name
_chem_comp.formula
SW5 non-polymer 3-[(4-fluorophenyl)methyl]-5-(1-piperidin-4-ylpyrazol-4-yl)-1~{H}-pyrrolo[2,3-b]pyridine 'C22 H22 F N5'
#
# COMPACT_ATOMS: atom_id res chain seq x y z
N LEU A 8 -16.48 4.76 11.43
CA LEU A 8 -16.81 3.34 11.28
C LEU A 8 -17.95 3.10 10.29
N SER A 9 -19.04 3.88 10.39
CA SER A 9 -20.19 3.78 9.49
C SER A 9 -19.84 4.27 8.05
N ALA A 10 -18.66 4.90 7.88
CA ALA A 10 -18.11 5.41 6.62
C ALA A 10 -17.62 4.26 5.75
N LEU A 11 -17.29 3.10 6.38
CA LEU A 11 -16.78 1.90 5.71
C LEU A 11 -17.81 1.28 4.79
N ASN A 12 -17.35 0.74 3.65
CA ASN A 12 -18.26 0.10 2.70
C ASN A 12 -18.91 -1.16 3.32
N PRO A 13 -20.28 -1.19 3.43
CA PRO A 13 -20.96 -2.31 4.10
C PRO A 13 -20.72 -3.71 3.55
N GLU A 14 -20.41 -3.84 2.25
CA GLU A 14 -20.07 -5.13 1.62
C GLU A 14 -18.73 -5.64 2.19
N LEU A 15 -17.76 -4.73 2.38
CA LEU A 15 -16.45 -5.02 2.96
C LEU A 15 -16.58 -5.27 4.46
N VAL A 16 -17.46 -4.52 5.14
CA VAL A 16 -17.75 -4.69 6.55
C VAL A 16 -18.21 -6.14 6.76
N GLN A 17 -19.12 -6.61 5.90
CA GLN A 17 -19.67 -7.96 5.93
C GLN A 17 -18.58 -9.04 5.68
N ALA A 18 -17.72 -8.81 4.66
CA ALA A 18 -16.64 -9.72 4.27
C ALA A 18 -15.54 -9.88 5.34
N VAL A 19 -15.40 -8.91 6.26
CA VAL A 19 -14.35 -8.96 7.29
C VAL A 19 -14.85 -9.50 8.66
N GLN A 20 -16.18 -9.72 8.83
CA GLN A 20 -16.75 -10.20 10.10
C GLN A 20 -16.13 -11.50 10.67
N HIS A 21 -15.75 -12.46 9.81
CA HIS A 21 -15.13 -13.74 10.23
C HIS A 21 -13.71 -13.59 10.83
N VAL A 22 -13.12 -12.38 10.75
CA VAL A 22 -11.77 -12.05 11.23
C VAL A 22 -11.89 -11.10 12.45
N VAL A 23 -13.07 -10.45 12.61
CA VAL A 23 -13.30 -9.46 13.64
C VAL A 23 -13.59 -10.10 14.96
N ILE A 24 -12.90 -9.63 16.00
CA ILE A 24 -13.10 -10.03 17.40
C ILE A 24 -13.98 -8.94 18.02
N GLY A 25 -15.06 -9.34 18.68
CA GLY A 25 -15.95 -8.42 19.39
C GLY A 25 -15.27 -7.86 20.63
N PRO A 26 -15.54 -6.60 21.06
CA PRO A 26 -14.86 -6.07 22.25
C PRO A 26 -15.04 -6.93 23.50
N SER A 27 -16.27 -7.47 23.71
CA SER A 27 -16.64 -8.32 24.85
C SER A 27 -15.94 -9.70 24.87
N SER A 28 -15.23 -10.05 23.80
CA SER A 28 -14.52 -11.31 23.70
C SER A 28 -13.04 -11.14 24.01
N LEU A 29 -12.56 -9.90 24.10
CA LEU A 29 -11.14 -9.63 24.33
C LEU A 29 -10.86 -8.74 25.54
N ILE A 30 -9.87 -9.12 26.33
CA ILE A 30 -9.38 -8.38 27.49
C ILE A 30 -7.94 -8.00 27.14
N VAL A 31 -7.67 -6.74 26.99
CA VAL A 31 -6.31 -6.27 26.70
C VAL A 31 -5.77 -5.58 27.96
N HIS A 32 -4.62 -6.01 28.46
CA HIS A 32 -4.00 -5.33 29.61
C HIS A 32 -2.97 -4.33 29.06
N PHE A 33 -3.38 -3.05 28.88
CA PHE A 33 -2.48 -2.01 28.34
C PHE A 33 -1.32 -1.63 29.31
N ASN A 34 -1.35 -2.16 30.54
CA ASN A 34 -0.36 -1.93 31.59
C ASN A 34 0.85 -2.88 31.49
N GLU A 35 0.78 -3.94 30.65
CA GLU A 35 1.95 -4.82 30.56
C GLU A 35 2.31 -5.17 29.10
N VAL A 36 3.51 -4.76 28.71
CA VAL A 36 4.02 -5.04 27.37
C VAL A 36 4.71 -6.39 27.37
N ILE A 37 4.79 -6.99 26.18
CA ILE A 37 5.51 -8.22 26.00
C ILE A 37 6.89 -7.83 25.43
N GLY A 38 7.92 -8.52 25.91
CA GLY A 38 9.29 -8.39 25.42
C GLY A 38 9.95 -7.04 25.55
N ARG A 39 9.88 -6.44 26.75
CA ARG A 39 10.54 -5.20 27.15
C ARG A 39 10.61 -4.05 26.07
N GLY A 40 9.53 -3.90 25.29
CA GLY A 40 9.43 -2.88 24.24
C GLY A 40 10.08 -3.17 22.91
N HIS A 41 10.88 -4.28 22.82
CA HIS A 41 11.64 -4.71 21.64
C HIS A 41 10.78 -5.00 20.37
N PHE A 42 9.45 -5.12 20.52
CA PHE A 42 8.49 -5.41 19.46
C PHE A 42 7.45 -4.29 19.34
N GLY A 43 7.75 -3.14 19.92
CA GLY A 43 6.84 -2.00 19.91
C GLY A 43 5.73 -2.17 20.93
N CYS A 44 4.55 -1.59 20.65
CA CYS A 44 3.41 -1.67 21.56
C CYS A 44 2.63 -2.96 21.42
N VAL A 45 3.17 -4.02 22.04
CA VAL A 45 2.59 -5.37 22.08
C VAL A 45 2.27 -5.63 23.56
N TYR A 46 1.01 -5.93 23.84
CA TYR A 46 0.47 -6.14 25.18
C TYR A 46 -0.04 -7.54 25.41
N HIS A 47 -0.06 -7.98 26.68
CA HIS A 47 -0.63 -9.27 27.06
C HIS A 47 -2.15 -9.14 26.95
N GLY A 48 -2.78 -10.09 26.28
CA GLY A 48 -4.22 -10.12 26.09
C GLY A 48 -4.83 -11.45 26.45
N THR A 49 -6.17 -11.47 26.61
CA THR A 49 -6.92 -12.70 26.86
C THR A 49 -8.10 -12.74 25.90
N LEU A 50 -8.09 -13.71 24.98
CA LEU A 50 -9.16 -13.90 24.02
C LEU A 50 -10.09 -15.01 24.47
N LEU A 51 -11.38 -14.76 24.46
CA LEU A 51 -12.38 -15.75 24.85
C LEU A 51 -12.99 -16.38 23.60
N ASP A 52 -13.01 -17.72 23.52
CA ASP A 52 -13.64 -18.43 22.39
C ASP A 52 -15.17 -18.56 22.60
N ASN A 53 -15.86 -19.29 21.70
CA ASN A 53 -17.32 -19.50 21.79
C ASN A 53 -17.70 -20.33 23.03
N ASP A 54 -16.77 -21.19 23.51
CA ASP A 54 -16.97 -22.02 24.70
C ASP A 54 -16.53 -21.27 25.96
N GLY A 55 -16.09 -20.03 25.78
CA GLY A 55 -15.63 -19.18 26.88
C GLY A 55 -14.26 -19.53 27.42
N LYS A 56 -13.50 -20.41 26.73
CA LYS A 56 -12.15 -20.77 27.15
C LYS A 56 -11.22 -19.59 26.88
N LYS A 57 -10.30 -19.36 27.81
CA LYS A 57 -9.38 -18.24 27.76
C LYS A 57 -8.09 -18.58 27.00
N ILE A 58 -7.78 -17.79 25.96
CA ILE A 58 -6.60 -17.93 25.11
C ILE A 58 -5.65 -16.75 25.38
N HIS A 59 -4.42 -17.05 25.87
CA HIS A 59 -3.43 -16.03 26.15
C HIS A 59 -2.84 -15.58 24.85
N CYS A 60 -3.00 -14.29 24.53
CA CYS A 60 -2.57 -13.73 23.26
C CYS A 60 -1.74 -12.44 23.36
N ALA A 61 -1.09 -12.08 22.24
CA ALA A 61 -0.29 -10.87 22.13
C ALA A 61 -1.05 -9.83 21.27
N VAL A 62 -1.39 -8.69 21.86
CA VAL A 62 -2.18 -7.67 21.16
C VAL A 62 -1.32 -6.47 20.76
N LYS A 63 -1.27 -6.19 19.45
CA LYS A 63 -0.54 -5.05 18.89
C LYS A 63 -1.48 -3.94 18.44
N SER A 64 -1.28 -2.73 18.97
CA SER A 64 -2.05 -1.57 18.55
C SER A 64 -1.40 -1.02 17.26
N LEU A 65 -2.21 -0.80 16.20
CA LEU A 65 -1.68 -0.28 14.94
C LEU A 65 -1.90 1.24 14.81
N ASN A 66 -1.00 2.00 15.47
CA ASN A 66 -0.94 3.45 15.61
C ASN A 66 -0.82 4.22 14.28
N ARG A 67 -0.15 3.60 13.26
CA ARG A 67 0.05 4.18 11.92
C ARG A 67 -1.28 4.46 11.20
N ILE A 68 -2.26 3.55 11.34
CA ILE A 68 -3.58 3.68 10.71
C ILE A 68 -4.41 4.75 11.44
N THR A 69 -4.83 5.80 10.69
CA THR A 69 -5.57 6.94 11.23
C THR A 69 -6.79 7.37 10.40
N ASP A 70 -6.92 6.87 9.14
CA ASP A 70 -8.05 7.23 8.27
C ASP A 70 -8.76 6.02 7.67
N ILE A 71 -10.05 6.22 7.25
CA ILE A 71 -10.94 5.21 6.67
C ILE A 71 -10.29 4.50 5.43
N GLY A 72 -9.41 5.21 4.70
CA GLY A 72 -8.67 4.67 3.56
C GLY A 72 -7.70 3.57 3.93
N GLU A 73 -6.83 3.84 4.94
CA GLU A 73 -5.83 2.92 5.48
C GLU A 73 -6.49 1.79 6.28
N VAL A 74 -7.67 2.08 6.91
CA VAL A 74 -8.49 1.12 7.68
C VAL A 74 -8.98 0.01 6.73
N SER A 75 -9.50 0.40 5.52
CA SER A 75 -10.02 -0.51 4.47
C SER A 75 -8.98 -1.54 4.02
N GLN A 76 -7.72 -1.09 3.75
CA GLN A 76 -6.57 -1.93 3.35
C GLN A 76 -6.28 -2.95 4.45
N PHE A 77 -6.24 -2.49 5.72
CA PHE A 77 -6.00 -3.30 6.91
C PHE A 77 -7.06 -4.41 7.04
N LEU A 78 -8.35 -4.12 6.69
CA LEU A 78 -9.42 -5.13 6.71
C LEU A 78 -9.11 -6.26 5.70
N THR A 79 -8.57 -5.87 4.54
CA THR A 79 -8.16 -6.80 3.48
C THR A 79 -6.91 -7.58 3.89
N GLU A 80 -6.01 -6.95 4.66
CA GLU A 80 -4.81 -7.62 5.17
C GLU A 80 -5.22 -8.73 6.15
N GLY A 81 -6.22 -8.45 6.99
CA GLY A 81 -6.78 -9.40 7.93
C GLY A 81 -7.49 -10.54 7.25
N ILE A 82 -8.23 -10.22 6.17
CA ILE A 82 -8.99 -11.22 5.38
C ILE A 82 -8.04 -12.24 4.71
N ILE A 83 -6.92 -11.75 4.15
CA ILE A 83 -5.97 -12.62 3.49
C ILE A 83 -5.18 -13.48 4.48
N MET A 84 -4.72 -12.88 5.57
CA MET A 84 -3.88 -13.59 6.53
C MET A 84 -4.64 -14.58 7.39
N LYS A 85 -5.95 -14.37 7.56
CA LYS A 85 -6.84 -15.29 8.28
C LYS A 85 -6.89 -16.69 7.59
N ASP A 86 -6.74 -16.74 6.24
CA ASP A 86 -6.73 -17.97 5.45
C ASP A 86 -5.35 -18.68 5.41
N PHE A 87 -4.35 -18.13 6.13
CA PHE A 87 -3.01 -18.70 6.25
C PHE A 87 -2.88 -19.36 7.65
N SER A 88 -3.19 -20.66 7.73
CA SER A 88 -3.11 -21.44 8.96
C SER A 88 -2.32 -22.71 8.70
N HIS A 89 -1.29 -22.93 9.50
CA HIS A 89 -0.41 -24.08 9.42
C HIS A 89 0.31 -24.10 10.77
N PRO A 90 0.65 -25.28 11.33
CA PRO A 90 1.36 -25.32 12.61
C PRO A 90 2.74 -24.64 12.66
N ASN A 91 3.36 -24.37 11.50
CA ASN A 91 4.68 -23.73 11.49
C ASN A 91 4.63 -22.32 10.96
N VAL A 92 3.46 -21.72 10.98
CA VAL A 92 3.22 -20.36 10.52
C VAL A 92 2.46 -19.62 11.62
N LEU A 93 2.87 -18.38 11.94
CA LEU A 93 2.21 -17.62 13.00
C LEU A 93 0.84 -17.20 12.51
N SER A 94 -0.22 -17.59 13.23
CA SER A 94 -1.60 -17.30 12.85
C SER A 94 -2.11 -15.93 13.30
N LEU A 95 -3.19 -15.51 12.67
CA LEU A 95 -3.89 -14.30 13.02
C LEU A 95 -5.14 -14.76 13.76
N LEU A 96 -5.17 -14.59 15.10
CA LEU A 96 -6.34 -14.95 15.91
C LEU A 96 -7.48 -14.05 15.52
N GLY A 97 -7.18 -12.76 15.33
CA GLY A 97 -8.19 -11.82 14.88
C GLY A 97 -7.76 -10.37 14.84
N ILE A 98 -8.71 -9.51 14.52
CA ILE A 98 -8.52 -8.07 14.46
C ILE A 98 -9.60 -7.40 15.29
N CYS A 99 -9.28 -6.27 15.91
CA CYS A 99 -10.18 -5.49 16.74
C CYS A 99 -10.34 -4.07 16.23
N LEU A 100 -11.60 -3.65 15.99
CA LEU A 100 -11.88 -2.30 15.50
C LEU A 100 -12.65 -1.48 16.53
N GLY A 104 -9.22 5.06 19.69
CA GLY A 104 -8.55 3.78 19.83
C GLY A 104 -8.22 3.14 18.50
N SER A 105 -6.90 3.06 18.19
CA SER A 105 -6.32 2.48 16.97
C SER A 105 -6.76 1.01 16.74
N PRO A 106 -6.67 0.44 15.49
CA PRO A 106 -7.07 -0.97 15.30
C PRO A 106 -6.08 -1.95 15.90
N LEU A 107 -6.57 -3.09 16.41
CA LEU A 107 -5.72 -4.12 17.04
C LEU A 107 -5.49 -5.36 16.19
N VAL A 108 -4.30 -5.95 16.35
CA VAL A 108 -3.94 -7.21 15.68
C VAL A 108 -3.70 -8.22 16.80
N VAL A 109 -4.58 -9.23 16.88
CA VAL A 109 -4.48 -10.26 17.92
C VAL A 109 -3.73 -11.50 17.40
N LEU A 110 -2.54 -11.74 17.98
CA LEU A 110 -1.72 -12.88 17.59
C LEU A 110 -1.62 -13.89 18.76
N PRO A 111 -1.30 -15.18 18.53
CA PRO A 111 -1.13 -16.07 19.67
C PRO A 111 0.15 -15.72 20.46
N TYR A 112 0.16 -16.07 21.76
CA TYR A 112 1.29 -15.87 22.63
C TYR A 112 2.40 -16.95 22.43
N MET A 113 3.61 -16.48 22.20
CA MET A 113 4.79 -17.29 22.00
C MET A 113 5.66 -17.17 23.25
N LYS A 114 5.57 -18.16 24.17
CA LYS A 114 6.32 -18.15 25.42
C LYS A 114 7.83 -17.86 25.24
N HIS A 115 8.47 -18.50 24.26
CA HIS A 115 9.92 -18.38 24.12
C HIS A 115 10.40 -17.28 23.16
N GLY A 116 9.49 -16.40 22.74
CA GLY A 116 9.83 -15.25 21.90
C GLY A 116 10.43 -15.63 20.56
N ASP A 117 11.37 -14.81 20.06
CA ASP A 117 11.97 -15.07 18.77
C ASP A 117 13.05 -16.16 18.84
N LEU A 118 13.18 -16.92 17.75
CA LEU A 118 14.12 -18.02 17.59
C LEU A 118 15.59 -17.66 17.73
N ARG A 119 16.10 -16.59 17.10
CA ARG A 119 17.52 -16.20 17.20
C ARG A 119 17.93 -15.95 18.66
N ASN A 120 17.08 -15.21 19.42
CA ASN A 120 17.34 -14.91 20.83
C ASN A 120 17.31 -16.16 21.73
N PHE A 121 16.43 -17.14 21.40
CA PHE A 121 16.34 -18.39 22.13
C PHE A 121 17.62 -19.22 21.97
N ILE A 122 18.12 -19.33 20.72
CA ILE A 122 19.32 -20.12 20.44
C ILE A 122 20.61 -19.43 20.94
N ARG A 123 20.57 -18.09 21.10
CA ARG A 123 21.68 -17.25 21.53
C ARG A 123 21.85 -17.19 23.04
N ASN A 124 20.75 -17.35 23.79
CA ASN A 124 20.69 -17.36 25.25
C ASN A 124 21.49 -18.56 25.80
N GLU A 125 22.68 -18.27 26.39
CA GLU A 125 23.64 -19.22 26.97
C GLU A 125 23.06 -20.21 27.98
N THR A 126 21.93 -19.84 28.66
CA THR A 126 21.24 -20.71 29.63
C THR A 126 20.61 -21.94 28.94
N HIS A 127 20.09 -21.77 27.70
CA HIS A 127 19.47 -22.84 26.92
C HIS A 127 20.56 -23.64 26.19
N ASN A 128 20.53 -24.98 26.27
CA ASN A 128 21.52 -25.79 25.56
C ASN A 128 20.86 -26.75 24.55
N PRO A 129 20.39 -26.25 23.39
CA PRO A 129 19.77 -27.14 22.42
C PRO A 129 20.80 -28.04 21.77
N THR A 130 20.41 -29.27 21.48
CA THR A 130 21.29 -30.22 20.82
C THR A 130 21.22 -29.97 19.32
N VAL A 131 22.17 -30.56 18.58
CA VAL A 131 22.28 -30.51 17.14
C VAL A 131 20.96 -31.02 16.52
N LYS A 132 20.29 -32.00 17.17
CA LYS A 132 19.00 -32.56 16.75
C LYS A 132 17.87 -31.52 16.94
N ASP A 133 17.84 -30.81 18.11
CA ASP A 133 16.84 -29.78 18.39
C ASP A 133 16.92 -28.65 17.33
N LEU A 134 18.16 -28.25 16.97
CA LEU A 134 18.45 -27.17 16.01
C LEU A 134 17.97 -27.52 14.62
N ILE A 135 18.34 -28.73 14.14
CA ILE A 135 17.90 -29.23 12.83
C ILE A 135 16.34 -29.32 12.86
N GLY A 136 15.79 -29.78 13.99
CA GLY A 136 14.35 -29.84 14.21
C GLY A 136 13.70 -28.49 14.05
N PHE A 137 14.35 -27.40 14.51
CA PHE A 137 13.82 -26.04 14.30
C PHE A 137 13.83 -25.65 12.82
N GLY A 138 14.88 -26.07 12.11
CA GLY A 138 15.08 -25.84 10.68
C GLY A 138 14.08 -26.56 9.82
N LEU A 139 13.73 -27.80 10.20
CA LEU A 139 12.74 -28.59 9.50
C LEU A 139 11.38 -27.91 9.66
N GLN A 140 11.09 -27.42 10.87
CA GLN A 140 9.86 -26.69 11.19
C GLN A 140 9.70 -25.44 10.34
N VAL A 141 10.80 -24.67 10.15
CA VAL A 141 10.77 -23.46 9.33
C VAL A 141 10.50 -23.87 7.89
N ALA A 142 11.27 -24.86 7.38
CA ALA A 142 11.12 -25.42 6.05
C ALA A 142 9.64 -25.80 5.78
N LYS A 143 8.96 -26.41 6.79
CA LYS A 143 7.55 -26.82 6.70
C LYS A 143 6.64 -25.62 6.51
N GLY A 144 6.81 -24.58 7.33
CA GLY A 144 6.03 -23.35 7.21
C GLY A 144 6.27 -22.65 5.89
N MET A 145 7.54 -22.65 5.45
CA MET A 145 7.94 -22.05 4.19
C MET A 145 7.34 -22.84 3.00
N LYS A 146 7.27 -24.18 3.11
CA LYS A 146 6.68 -25.07 2.11
C LYS A 146 5.18 -24.74 1.99
N TYR A 147 4.51 -24.52 3.14
CA TYR A 147 3.10 -24.11 3.18
C TYR A 147 2.93 -22.72 2.51
N LEU A 148 3.78 -21.75 2.84
CA LEU A 148 3.70 -20.42 2.24
C LEU A 148 3.97 -20.46 0.72
N ALA A 149 4.97 -21.24 0.27
CA ALA A 149 5.32 -21.36 -1.14
C ALA A 149 4.18 -22.02 -1.94
N SER A 150 3.46 -23.00 -1.33
CA SER A 150 2.29 -23.64 -1.96
C SER A 150 1.15 -22.62 -2.25
N LYS A 151 1.04 -21.56 -1.43
CA LYS A 151 0.02 -20.52 -1.57
C LYS A 151 0.55 -19.31 -2.40
N LYS A 152 1.72 -19.48 -3.09
CA LYS A 152 2.40 -18.45 -3.90
C LYS A 152 2.82 -17.24 -3.06
N PHE A 153 2.98 -17.42 -1.72
CA PHE A 153 3.36 -16.33 -0.82
C PHE A 153 4.87 -16.23 -0.73
N VAL A 154 5.41 -15.04 -1.02
CA VAL A 154 6.85 -14.77 -0.96
C VAL A 154 7.06 -13.97 0.32
N HIS A 155 7.86 -14.51 1.27
CA HIS A 155 8.15 -13.92 2.58
C HIS A 155 8.94 -12.62 2.48
N ARG A 156 10.04 -12.62 1.70
CA ARG A 156 10.96 -11.50 1.44
C ARG A 156 11.89 -11.13 2.63
N ASP A 157 11.65 -11.63 3.87
CA ASP A 157 12.54 -11.30 5.00
C ASP A 157 12.67 -12.46 6.00
N LEU A 158 13.03 -13.65 5.49
CA LEU A 158 13.18 -14.84 6.31
C LEU A 158 14.56 -14.81 6.99
N ALA A 159 14.56 -14.98 8.32
CA ALA A 159 15.75 -15.00 9.19
C ALA A 159 15.31 -15.53 10.55
N ALA A 160 16.27 -16.00 11.41
CA ALA A 160 15.90 -16.58 12.71
C ALA A 160 15.22 -15.56 13.65
N ARG A 161 15.54 -14.26 13.50
CA ARG A 161 14.92 -13.20 14.31
C ARG A 161 13.44 -13.08 14.02
N ASN A 162 13.01 -13.54 12.82
CA ASN A 162 11.64 -13.42 12.34
C ASN A 162 10.81 -14.68 12.53
N CYS A 163 11.35 -15.67 13.23
CA CYS A 163 10.64 -16.90 13.57
C CYS A 163 10.41 -16.89 15.05
N MET A 164 9.24 -17.35 15.48
CA MET A 164 8.88 -17.37 16.90
C MET A 164 8.83 -18.78 17.45
N LEU A 165 8.87 -18.91 18.79
CA LEU A 165 8.83 -20.18 19.51
C LEU A 165 7.75 -20.20 20.58
N ASP A 166 6.85 -21.20 20.53
CA ASP A 166 5.79 -21.32 21.53
C ASP A 166 6.19 -22.25 22.73
N GLU A 167 5.25 -22.45 23.68
CA GLU A 167 5.43 -23.24 24.90
C GLU A 167 5.88 -24.70 24.64
N LYS A 168 5.46 -25.31 23.49
CA LYS A 168 5.82 -26.67 23.11
C LYS A 168 7.06 -26.70 22.19
N PHE A 169 7.82 -25.58 22.15
CA PHE A 169 8.99 -25.39 21.29
C PHE A 169 8.66 -25.69 19.81
N THR A 170 7.48 -25.21 19.37
CA THR A 170 7.02 -25.32 18.00
C THR A 170 7.40 -24.01 17.31
N VAL A 171 8.25 -24.08 16.28
CA VAL A 171 8.68 -22.88 15.56
C VAL A 171 7.55 -22.36 14.68
N LYS A 172 7.34 -21.03 14.68
CA LYS A 172 6.35 -20.40 13.84
C LYS A 172 6.97 -19.30 12.97
N VAL A 173 6.83 -19.45 11.65
CA VAL A 173 7.31 -18.46 10.69
C VAL A 173 6.42 -17.21 10.89
N ALA A 174 7.03 -16.08 11.19
CA ALA A 174 6.27 -14.86 11.47
C ALA A 174 6.77 -13.74 10.56
N ASP A 175 6.54 -12.46 10.95
CA ASP A 175 7.00 -11.26 10.25
C ASP A 175 6.44 -11.15 8.81
N PHE A 176 5.11 -11.36 8.67
CA PHE A 176 4.42 -11.22 7.39
C PHE A 176 2.96 -10.88 7.66
N GLY A 177 2.29 -10.32 6.67
CA GLY A 177 0.90 -9.88 6.80
C GLY A 177 0.75 -8.84 7.89
N LEU A 178 -0.22 -9.03 8.78
CA LEU A 178 -0.42 -8.10 9.89
C LEU A 178 0.66 -8.22 11.01
N ALA A 179 1.52 -9.26 10.92
CA ALA A 179 2.63 -9.45 11.85
C ALA A 179 3.93 -8.86 11.29
N ARG A 180 3.85 -8.09 10.17
CA ARG A 180 5.00 -7.42 9.57
C ARG A 180 5.45 -6.27 10.46
N ASP A 181 6.67 -5.74 10.21
CA ASP A 181 7.28 -4.60 10.93
C ASP A 181 7.35 -4.89 12.44
N MET A 182 7.48 -6.19 12.73
CA MET A 182 7.59 -6.83 14.03
C MET A 182 8.45 -6.05 15.02
N TYR A 183 9.59 -5.52 14.55
CA TYR A 183 10.56 -4.77 15.32
C TYR A 183 10.55 -3.23 15.05
N ASP A 184 9.42 -2.55 15.38
CA ASP A 184 9.32 -1.09 15.21
C ASP A 184 9.27 -0.42 16.59
N LYS A 185 10.46 -0.31 17.21
CA LYS A 185 10.66 0.33 18.51
C LYS A 185 10.88 1.82 18.28
N GLU A 186 9.81 2.63 18.43
CA GLU A 186 9.80 4.10 18.23
C GLU A 186 10.72 4.82 19.20
N TYR A 187 11.18 6.03 18.83
CA TYR A 187 12.12 6.79 19.67
C TYR A 187 11.62 8.18 20.07
N TYR A 188 12.21 8.72 21.16
CA TYR A 188 11.93 10.05 21.71
C TYR A 188 12.94 11.03 21.15
N PRO A 199 17.88 -6.31 4.64
CA PRO A 199 18.56 -7.49 5.22
C PRO A 199 19.42 -8.17 4.14
N VAL A 200 20.40 -7.41 3.62
CA VAL A 200 21.24 -7.83 2.49
C VAL A 200 22.04 -9.13 2.78
N LYS A 201 22.34 -9.43 4.07
CA LYS A 201 23.11 -10.62 4.43
C LYS A 201 22.31 -11.92 4.36
N TRP A 202 20.99 -11.82 4.16
CA TRP A 202 20.10 -12.96 3.99
C TRP A 202 19.56 -13.01 2.54
N MET A 203 19.77 -11.93 1.79
CA MET A 203 19.23 -11.80 0.44
C MET A 203 19.97 -12.60 -0.61
N ALA A 204 19.20 -13.16 -1.57
CA ALA A 204 19.75 -13.86 -2.74
C ALA A 204 20.53 -12.86 -3.60
N LEU A 205 21.59 -13.34 -4.27
CA LEU A 205 22.45 -12.53 -5.14
C LEU A 205 21.64 -11.77 -6.20
N GLU A 206 20.59 -12.40 -6.79
CA GLU A 206 19.72 -11.74 -7.78
C GLU A 206 18.79 -10.69 -7.14
N SER A 207 18.43 -10.89 -5.86
CA SER A 207 17.60 -9.95 -5.09
C SER A 207 18.42 -8.68 -4.87
N LEU A 208 19.72 -8.86 -4.58
CA LEU A 208 20.68 -7.77 -4.38
C LEU A 208 20.93 -7.00 -5.67
N GLN A 209 20.98 -7.71 -6.80
CA GLN A 209 21.23 -7.14 -8.12
C GLN A 209 19.99 -6.55 -8.83
N THR A 210 18.74 -7.02 -8.51
CA THR A 210 17.52 -6.56 -9.21
C THR A 210 16.36 -6.08 -8.30
N GLN A 211 16.48 -6.19 -6.96
CA GLN A 211 15.45 -5.78 -5.97
C GLN A 211 14.09 -6.56 -6.15
N LYS A 212 14.16 -7.75 -6.75
CA LYS A 212 13.00 -8.62 -6.97
C LYS A 212 13.12 -9.91 -6.14
N PHE A 213 12.02 -10.23 -5.43
CA PHE A 213 11.93 -11.36 -4.52
C PHE A 213 11.00 -12.45 -5.04
N THR A 214 11.44 -13.73 -4.92
CA THR A 214 10.72 -14.96 -5.27
C THR A 214 10.90 -16.04 -4.18
N THR A 215 10.21 -17.17 -4.36
CA THR A 215 10.32 -18.36 -3.50
C THR A 215 11.78 -18.84 -3.54
N LYS A 216 12.41 -18.75 -4.73
CA LYS A 216 13.80 -19.10 -4.97
C LYS A 216 14.75 -18.21 -4.14
N SER A 217 14.43 -16.90 -3.91
CA SER A 217 15.22 -16.05 -3.03
C SER A 217 14.92 -16.34 -1.56
N ASP A 218 13.68 -16.79 -1.26
CA ASP A 218 13.32 -17.22 0.10
C ASP A 218 14.16 -18.45 0.53
N VAL A 219 14.48 -19.34 -0.44
CA VAL A 219 15.29 -20.57 -0.26
C VAL A 219 16.74 -20.17 0.10
N TRP A 220 17.32 -19.19 -0.62
CA TRP A 220 18.66 -18.63 -0.29
C TRP A 220 18.63 -18.19 1.20
N SER A 221 17.61 -17.38 1.58
CA SER A 221 17.42 -16.85 2.94
C SER A 221 17.26 -17.97 3.97
N PHE A 222 16.57 -19.06 3.59
CA PHE A 222 16.39 -20.21 4.46
C PHE A 222 17.74 -20.85 4.73
N GLY A 223 18.58 -20.93 3.70
CA GLY A 223 19.94 -21.44 3.81
C GLY A 223 20.76 -20.67 4.83
N VAL A 224 20.54 -19.36 4.92
CA VAL A 224 21.23 -18.45 5.88
C VAL A 224 20.71 -18.75 7.28
N LEU A 225 19.37 -18.85 7.41
CA LEU A 225 18.66 -19.17 8.65
C LEU A 225 19.21 -20.52 9.19
N LEU A 226 19.35 -21.55 8.32
CA LEU A 226 19.95 -22.87 8.65
C LEU A 226 21.36 -22.69 9.22
N TRP A 227 22.18 -21.86 8.58
CA TRP A 227 23.53 -21.55 9.05
C TRP A 227 23.46 -20.83 10.43
N GLU A 228 22.51 -19.87 10.63
CA GLU A 228 22.31 -19.17 11.90
C GLU A 228 21.98 -20.17 12.99
N LEU A 229 21.06 -21.12 12.72
CA LEU A 229 20.67 -22.15 13.69
C LEU A 229 21.86 -22.99 14.16
N MET A 230 22.74 -23.41 13.23
CA MET A 230 23.88 -24.31 13.50
C MET A 230 25.10 -23.64 14.17
N THR A 231 25.14 -22.31 14.18
CA THR A 231 26.18 -21.47 14.79
C THR A 231 25.63 -20.89 16.11
N ARG A 232 24.38 -21.25 16.47
CA ARG A 232 23.67 -20.80 17.69
C ARG A 232 23.37 -19.29 17.65
N GLY A 233 23.15 -18.77 16.46
CA GLY A 233 22.79 -17.39 16.21
C GLY A 233 23.92 -16.41 15.94
N ALA A 234 25.03 -16.88 15.33
CA ALA A 234 26.16 -16.02 14.98
C ALA A 234 25.78 -15.14 13.79
N PRO A 235 26.28 -13.88 13.69
CA PRO A 235 25.87 -13.03 12.55
C PRO A 235 26.59 -13.45 11.26
N PRO A 236 25.86 -13.59 10.13
CA PRO A 236 26.51 -13.99 8.89
C PRO A 236 27.45 -12.90 8.36
N TYR A 237 28.57 -13.32 7.76
CA TYR A 237 29.60 -12.46 7.17
C TYR A 237 30.01 -11.30 8.11
N PRO A 238 30.61 -11.58 9.30
CA PRO A 238 30.96 -10.49 10.22
C PRO A 238 31.96 -9.46 9.71
N ASP A 239 32.92 -9.88 8.84
CA ASP A 239 33.97 -9.00 8.29
C ASP A 239 33.67 -8.44 6.89
N VAL A 240 32.44 -8.62 6.38
CA VAL A 240 32.07 -8.15 5.05
C VAL A 240 31.03 -7.07 5.23
N ASN A 241 31.29 -5.89 4.67
CA ASN A 241 30.34 -4.80 4.75
C ASN A 241 29.13 -5.12 3.83
N THR A 242 27.98 -4.53 4.13
CA THR A 242 26.74 -4.77 3.38
C THR A 242 26.86 -4.33 1.91
N PHE A 243 27.69 -3.30 1.64
CA PHE A 243 27.95 -2.90 0.26
C PHE A 243 28.87 -3.92 -0.46
N ASP A 244 29.78 -4.58 0.27
CA ASP A 244 30.74 -5.55 -0.27
C ASP A 244 30.20 -6.96 -0.49
N ILE A 245 28.99 -7.26 -0.02
CA ILE A 245 28.36 -8.57 -0.11
C ILE A 245 28.19 -9.06 -1.55
N THR A 246 27.68 -8.19 -2.45
CA THR A 246 27.48 -8.50 -3.86
C THR A 246 28.76 -9.01 -4.53
N VAL A 247 29.89 -8.31 -4.34
CA VAL A 247 31.16 -8.72 -4.95
C VAL A 247 31.66 -10.05 -4.36
N TYR A 248 31.58 -10.18 -3.03
CA TYR A 248 32.00 -11.35 -2.28
C TYR A 248 31.36 -12.62 -2.82
N LEU A 249 30.01 -12.64 -3.00
CA LEU A 249 29.24 -13.78 -3.52
C LEU A 249 29.50 -14.01 -4.99
N LEU A 250 29.72 -12.94 -5.80
CA LEU A 250 30.03 -13.06 -7.23
C LEU A 250 31.37 -13.79 -7.44
N GLN A 251 32.27 -13.70 -6.48
CA GLN A 251 33.56 -14.38 -6.50
C GLN A 251 33.36 -15.87 -6.12
N GLY A 252 32.13 -16.22 -5.75
CA GLY A 252 31.75 -17.58 -5.37
C GLY A 252 32.11 -17.94 -3.95
N ARG A 253 32.14 -16.93 -3.06
CA ARG A 253 32.46 -17.13 -1.65
C ARG A 253 31.15 -17.27 -0.90
N ARG A 254 31.10 -18.18 0.10
CA ARG A 254 29.88 -18.47 0.86
C ARG A 254 30.18 -18.62 2.34
N LEU A 255 29.12 -18.68 3.17
CA LEU A 255 29.25 -18.91 4.60
C LEU A 255 29.87 -20.30 4.82
N LEU A 256 30.92 -20.38 5.67
CA LEU A 256 31.63 -21.64 5.93
C LEU A 256 30.82 -22.61 6.77
N GLN A 257 31.16 -23.90 6.68
CA GLN A 257 30.51 -24.95 7.46
C GLN A 257 30.68 -24.68 8.97
N PRO A 258 29.55 -24.48 9.69
CA PRO A 258 29.65 -24.27 11.14
C PRO A 258 30.22 -25.53 11.81
N GLU A 259 30.89 -25.34 12.96
CA GLU A 259 31.58 -26.35 13.76
C GLU A 259 30.82 -27.68 13.94
N TYR A 260 29.66 -27.66 14.63
CA TYR A 260 28.92 -28.91 14.88
C TYR A 260 27.79 -29.11 13.86
N CYS A 261 28.07 -28.80 12.58
CA CYS A 261 27.11 -28.99 11.51
C CYS A 261 27.50 -30.22 10.65
N PRO A 262 26.58 -31.21 10.53
CA PRO A 262 26.89 -32.39 9.70
C PRO A 262 27.04 -32.05 8.22
N ASP A 263 27.92 -32.80 7.52
CA ASP A 263 28.24 -32.64 6.09
C ASP A 263 27.00 -32.66 5.18
N PRO A 264 25.99 -33.56 5.39
CA PRO A 264 24.81 -33.55 4.51
C PRO A 264 23.99 -32.26 4.60
N LEU A 265 23.82 -31.71 5.82
CA LEU A 265 23.08 -30.48 6.06
C LEU A 265 23.83 -29.26 5.49
N TYR A 266 25.17 -29.28 5.50
CA TYR A 266 25.96 -28.20 4.91
C TYR A 266 25.87 -28.25 3.39
N GLU A 267 25.73 -29.47 2.81
CA GLU A 267 25.54 -29.66 1.37
C GLU A 267 24.20 -29.03 0.93
N VAL A 268 23.20 -29.06 1.82
CA VAL A 268 21.85 -28.50 1.64
C VAL A 268 21.94 -26.96 1.64
N MET A 269 22.63 -26.37 2.65
CA MET A 269 22.87 -24.91 2.77
C MET A 269 23.51 -24.40 1.47
N LEU A 270 24.57 -25.09 0.98
CA LEU A 270 25.25 -24.67 -0.24
C LEU A 270 24.37 -24.71 -1.46
N LYS A 271 23.44 -25.69 -1.52
CA LYS A 271 22.52 -25.82 -2.66
C LYS A 271 21.57 -24.65 -2.63
N CYS A 272 21.23 -24.16 -1.42
CA CYS A 272 20.38 -23.00 -1.18
C CYS A 272 21.04 -21.73 -1.73
N TRP A 273 22.39 -21.67 -1.74
CA TRP A 273 23.11 -20.49 -2.21
C TRP A 273 23.70 -20.61 -3.61
N HIS A 274 23.09 -21.41 -4.48
CA HIS A 274 23.58 -21.55 -5.85
C HIS A 274 23.33 -20.25 -6.62
N PRO A 275 24.29 -19.73 -7.44
CA PRO A 275 24.01 -18.48 -8.21
C PRO A 275 22.82 -18.53 -9.15
N LYS A 276 22.36 -19.71 -9.57
CA LYS A 276 21.21 -19.84 -10.46
C LYS A 276 19.99 -20.26 -9.65
N ALA A 277 19.04 -19.35 -9.45
CA ALA A 277 17.81 -19.58 -8.67
C ALA A 277 17.12 -20.89 -9.04
N GLU A 278 16.92 -21.15 -10.33
CA GLU A 278 16.33 -22.39 -10.87
C GLU A 278 17.11 -23.67 -10.46
N MET A 279 18.40 -23.55 -10.11
CA MET A 279 19.23 -24.68 -9.67
C MET A 279 19.02 -24.97 -8.17
N ARG A 280 18.41 -24.02 -7.44
CA ARG A 280 18.16 -24.13 -5.99
C ARG A 280 17.02 -25.08 -5.64
N PRO A 281 17.11 -25.82 -4.50
CA PRO A 281 16.00 -26.71 -4.12
C PRO A 281 14.71 -25.98 -3.83
N SER A 282 13.58 -26.68 -3.91
CA SER A 282 12.27 -26.11 -3.54
C SER A 282 12.12 -26.36 -2.01
N PHE A 283 11.13 -25.73 -1.36
CA PHE A 283 10.92 -26.00 0.06
C PHE A 283 10.48 -27.46 0.32
N SER A 284 9.82 -28.09 -0.67
CA SER A 284 9.40 -29.50 -0.61
C SER A 284 10.66 -30.40 -0.56
N GLU A 285 11.62 -30.20 -1.49
CA GLU A 285 12.89 -30.93 -1.49
C GLU A 285 13.68 -30.67 -0.20
N LEU A 286 13.59 -29.49 0.37
CA LEU A 286 14.30 -29.18 1.62
C LEU A 286 13.66 -29.88 2.81
N VAL A 287 12.31 -29.93 2.89
CA VAL A 287 11.56 -30.65 3.93
C VAL A 287 11.97 -32.14 3.88
N SER A 288 11.89 -32.74 2.66
CA SER A 288 12.25 -34.13 2.37
C SER A 288 13.68 -34.44 2.86
N ARG A 289 14.66 -33.66 2.38
CA ARG A 289 16.08 -33.83 2.72
C ARG A 289 16.40 -33.65 4.19
N ILE A 290 15.86 -32.57 4.81
CA ILE A 290 16.12 -32.24 6.19
C ILE A 290 15.46 -33.24 7.12
N SER A 291 14.22 -33.64 6.85
CA SER A 291 13.55 -34.63 7.71
C SER A 291 14.35 -35.93 7.75
N ALA A 292 14.84 -36.42 6.59
CA ALA A 292 15.68 -37.64 6.54
C ALA A 292 17.03 -37.44 7.23
N ILE A 293 17.60 -36.22 7.24
CA ILE A 293 18.83 -35.97 7.98
C ILE A 293 18.48 -35.99 9.49
N PHE A 294 17.38 -35.31 9.87
CA PHE A 294 16.85 -35.24 11.24
C PHE A 294 16.61 -36.65 11.82
N SER A 295 16.05 -37.58 11.01
CA SER A 295 15.76 -38.97 11.39
C SER A 295 17.01 -39.80 11.77
N THR A 296 18.21 -39.35 11.39
CA THR A 296 19.47 -40.06 11.68
C THR A 296 20.04 -39.78 13.09
N PHE A 297 19.25 -39.18 14.01
CA PHE A 297 19.74 -38.88 15.37
C PHE A 297 19.07 -39.72 16.45
N LEU B 8 -6.96 -16.81 -9.52
CA LEU B 8 -8.22 -16.10 -9.26
C LEU B 8 -9.15 -16.82 -8.24
N SER B 9 -9.09 -18.18 -8.18
CA SER B 9 -9.85 -18.99 -7.22
C SER B 9 -9.12 -18.99 -5.87
N ALA B 10 -7.80 -18.63 -5.90
CA ALA B 10 -6.90 -18.49 -4.75
C ALA B 10 -7.31 -17.28 -3.90
N LEU B 11 -8.19 -16.44 -4.44
CA LEU B 11 -8.69 -15.25 -3.76
C LEU B 11 -9.69 -15.63 -2.67
N ASN B 12 -9.77 -14.83 -1.60
CA ASN B 12 -10.71 -15.09 -0.52
C ASN B 12 -12.17 -14.98 -1.02
N PRO B 13 -12.98 -16.04 -0.84
CA PRO B 13 -14.39 -16.02 -1.32
C PRO B 13 -15.26 -14.84 -0.86
N GLU B 14 -15.22 -14.48 0.45
CA GLU B 14 -16.05 -13.37 0.94
C GLU B 14 -15.57 -12.00 0.38
N LEU B 15 -14.27 -11.86 0.09
CA LEU B 15 -13.71 -10.67 -0.55
C LEU B 15 -14.18 -10.62 -2.01
N VAL B 16 -14.18 -11.80 -2.69
CA VAL B 16 -14.65 -11.96 -4.06
C VAL B 16 -16.14 -11.56 -4.12
N GLN B 17 -16.94 -12.03 -3.16
CA GLN B 17 -18.36 -11.66 -3.10
C GLN B 17 -18.56 -10.16 -2.81
N ALA B 18 -17.68 -9.54 -1.99
CA ALA B 18 -17.76 -8.11 -1.68
C ALA B 18 -17.39 -7.21 -2.88
N VAL B 19 -16.51 -7.68 -3.78
CA VAL B 19 -16.07 -6.93 -4.94
C VAL B 19 -17.00 -7.12 -6.16
N GLN B 20 -17.95 -8.09 -6.08
CA GLN B 20 -18.86 -8.43 -7.19
C GLN B 20 -19.56 -7.24 -7.84
N HIS B 21 -20.11 -6.31 -7.06
CA HIS B 21 -20.79 -5.11 -7.57
C HIS B 21 -19.86 -4.10 -8.31
N VAL B 22 -18.51 -4.24 -8.22
CA VAL B 22 -17.51 -3.37 -8.88
C VAL B 22 -17.05 -4.05 -10.20
N VAL B 23 -17.07 -5.37 -10.21
CA VAL B 23 -16.60 -6.19 -11.31
C VAL B 23 -17.48 -6.08 -12.56
N ILE B 24 -16.79 -5.92 -13.70
CA ILE B 24 -17.38 -5.91 -15.03
C ILE B 24 -17.10 -7.30 -15.62
N GLY B 25 -18.15 -7.95 -16.12
CA GLY B 25 -18.04 -9.25 -16.78
C GLY B 25 -17.25 -9.15 -18.08
N PRO B 26 -16.55 -10.23 -18.51
CA PRO B 26 -15.77 -10.13 -19.77
C PRO B 26 -16.63 -9.94 -21.04
N SER B 27 -17.91 -10.40 -20.98
CA SER B 27 -18.86 -10.29 -22.08
C SER B 27 -19.58 -8.92 -22.07
N SER B 28 -19.32 -8.10 -21.04
CA SER B 28 -19.94 -6.78 -20.92
C SER B 28 -19.03 -5.65 -21.42
N LEU B 29 -17.77 -5.96 -21.72
CA LEU B 29 -16.80 -4.97 -22.14
C LEU B 29 -16.00 -5.34 -23.39
N ILE B 30 -15.87 -4.36 -24.28
CA ILE B 30 -15.12 -4.44 -25.54
C ILE B 30 -13.90 -3.51 -25.41
N VAL B 31 -12.69 -4.08 -25.45
CA VAL B 31 -11.47 -3.27 -25.32
C VAL B 31 -10.74 -3.25 -26.64
N HIS B 32 -10.56 -2.05 -27.18
CA HIS B 32 -9.83 -1.83 -28.42
C HIS B 32 -8.34 -1.65 -28.03
N PHE B 33 -7.62 -2.78 -27.89
CA PHE B 33 -6.19 -2.77 -27.56
C PHE B 33 -5.32 -2.21 -28.68
N ASN B 34 -5.91 -2.00 -29.85
CA ASN B 34 -5.27 -1.44 -31.04
C ASN B 34 -5.25 0.10 -31.07
N GLU B 35 -6.02 0.77 -30.19
CA GLU B 35 -6.04 2.24 -30.16
C GLU B 35 -5.94 2.84 -28.76
N VAL B 36 -4.90 3.67 -28.56
CA VAL B 36 -4.67 4.35 -27.29
C VAL B 36 -5.44 5.68 -27.20
N ILE B 37 -5.68 6.12 -25.96
CA ILE B 37 -6.27 7.39 -25.64
C ILE B 37 -5.08 8.30 -25.26
N GLY B 38 -5.08 9.53 -25.78
CA GLY B 38 -4.04 10.51 -25.49
C GLY B 38 -2.61 10.20 -25.89
N ARG B 39 -2.44 9.51 -27.03
CA ARG B 39 -1.15 9.17 -27.68
C ARG B 39 -0.01 8.73 -26.72
N GLY B 40 -0.34 7.90 -25.73
CA GLY B 40 0.66 7.41 -24.78
C GLY B 40 1.01 8.34 -23.64
N HIS B 41 0.44 9.60 -23.63
CA HIS B 41 0.66 10.60 -22.57
C HIS B 41 0.08 10.13 -21.22
N PHE B 42 -0.93 9.22 -21.25
CA PHE B 42 -1.59 8.64 -20.07
C PHE B 42 -1.22 7.17 -19.78
N GLY B 43 -0.18 6.65 -20.45
CA GLY B 43 0.25 5.26 -20.29
C GLY B 43 -0.60 4.32 -21.14
N CYS B 44 -0.64 3.02 -20.79
CA CYS B 44 -1.48 2.12 -21.61
C CYS B 44 -2.97 2.21 -21.21
N VAL B 45 -3.65 3.22 -21.83
CA VAL B 45 -5.08 3.53 -21.68
C VAL B 45 -5.69 3.45 -23.08
N TYR B 46 -6.72 2.61 -23.20
CA TYR B 46 -7.34 2.31 -24.47
C TYR B 46 -8.80 2.70 -24.53
N HIS B 47 -9.31 2.77 -25.76
CA HIS B 47 -10.73 3.00 -26.01
C HIS B 47 -11.47 1.70 -25.71
N GLY B 48 -12.67 1.85 -25.20
CA GLY B 48 -13.51 0.71 -24.88
C GLY B 48 -14.99 1.02 -24.95
N THR B 49 -15.77 -0.05 -24.98
CA THR B 49 -17.23 -0.04 -25.00
C THR B 49 -17.76 -0.92 -23.85
N LEU B 50 -18.58 -0.32 -22.98
CA LEU B 50 -19.17 -0.97 -21.82
C LEU B 50 -20.67 -1.07 -22.02
N LEU B 51 -21.21 -2.26 -21.88
CA LEU B 51 -22.64 -2.48 -22.06
C LEU B 51 -23.30 -2.53 -20.70
N ASP B 52 -24.33 -1.67 -20.49
CA ASP B 52 -25.08 -1.65 -19.23
C ASP B 52 -26.15 -2.78 -19.21
N ASN B 53 -26.97 -2.85 -18.12
CA ASN B 53 -28.04 -3.85 -17.92
C ASN B 53 -29.20 -3.76 -18.93
N ASP B 54 -29.33 -2.64 -19.65
CA ASP B 54 -30.31 -2.44 -20.72
C ASP B 54 -29.63 -2.59 -22.11
N GLY B 55 -28.32 -2.80 -22.09
CA GLY B 55 -27.51 -3.00 -23.30
C GLY B 55 -27.02 -1.75 -24.03
N LYS B 56 -27.08 -0.56 -23.37
CA LYS B 56 -26.61 0.67 -23.97
C LYS B 56 -25.07 0.72 -23.99
N LYS B 57 -24.52 1.16 -25.13
CA LYS B 57 -23.08 1.24 -25.38
C LYS B 57 -22.48 2.55 -24.85
N ILE B 58 -21.74 2.45 -23.73
CA ILE B 58 -21.05 3.55 -23.08
C ILE B 58 -19.58 3.57 -23.54
N HIS B 59 -19.12 4.73 -24.08
CA HIS B 59 -17.72 4.94 -24.47
C HIS B 59 -16.92 5.12 -23.17
N CYS B 60 -15.83 4.37 -23.02
CA CYS B 60 -15.00 4.42 -21.82
C CYS B 60 -13.50 4.41 -22.14
N ALA B 61 -12.67 4.66 -21.10
CA ALA B 61 -11.22 4.61 -21.14
C ALA B 61 -10.80 3.44 -20.23
N VAL B 62 -10.09 2.46 -20.80
CA VAL B 62 -9.69 1.24 -20.10
C VAL B 62 -8.16 1.24 -19.86
N LYS B 63 -7.75 1.19 -18.60
CA LYS B 63 -6.34 1.15 -18.24
C LYS B 63 -5.95 -0.27 -17.87
N SER B 64 -4.77 -0.71 -18.34
CA SER B 64 -4.29 -2.05 -18.07
C SER B 64 -3.25 -1.94 -16.98
N LEU B 65 -3.52 -2.56 -15.81
CA LEU B 65 -2.62 -2.46 -14.66
C LEU B 65 -1.59 -3.61 -14.62
N ASN B 66 -0.38 -3.31 -15.14
CA ASN B 66 0.76 -4.21 -15.25
C ASN B 66 1.48 -4.39 -13.90
N ARG B 67 1.46 -3.32 -13.05
CA ARG B 67 2.08 -3.27 -11.71
C ARG B 67 1.55 -4.34 -10.73
N ILE B 68 0.30 -4.78 -10.91
CA ILE B 68 -0.33 -5.81 -10.07
C ILE B 68 0.01 -7.20 -10.61
N THR B 69 0.84 -7.96 -9.85
CA THR B 69 1.28 -9.29 -10.27
C THR B 69 0.76 -10.39 -9.34
N ASP B 70 1.22 -10.42 -8.07
CA ASP B 70 0.85 -11.41 -7.06
C ASP B 70 -0.61 -11.32 -6.57
N ILE B 71 -1.04 -12.31 -5.76
CA ILE B 71 -2.37 -12.43 -5.18
C ILE B 71 -2.64 -11.30 -4.15
N GLY B 72 -1.61 -10.90 -3.39
CA GLY B 72 -1.68 -9.85 -2.39
C GLY B 72 -2.08 -8.51 -2.99
N GLU B 73 -1.42 -8.13 -4.10
CA GLU B 73 -1.68 -6.89 -4.85
C GLU B 73 -3.03 -6.94 -5.54
N VAL B 74 -3.48 -8.14 -5.98
CA VAL B 74 -4.79 -8.30 -6.62
C VAL B 74 -5.86 -7.95 -5.58
N SER B 75 -5.73 -8.50 -4.35
CA SER B 75 -6.65 -8.30 -3.23
C SER B 75 -6.80 -6.83 -2.76
N GLN B 76 -5.69 -6.05 -2.75
CA GLN B 76 -5.69 -4.63 -2.34
C GLN B 76 -6.42 -3.80 -3.39
N PHE B 77 -6.14 -4.08 -4.68
CA PHE B 77 -6.75 -3.45 -5.85
C PHE B 77 -8.26 -3.66 -5.80
N LEU B 78 -8.71 -4.87 -5.39
CA LEU B 78 -10.14 -5.19 -5.23
C LEU B 78 -10.78 -4.25 -4.21
N THR B 79 -10.08 -4.00 -3.10
CA THR B 79 -10.50 -3.09 -2.02
C THR B 79 -10.48 -1.62 -2.45
N GLU B 80 -9.43 -1.22 -3.17
CA GLU B 80 -9.31 0.15 -3.69
C GLU B 80 -10.47 0.44 -4.65
N GLY B 81 -10.89 -0.59 -5.42
CA GLY B 81 -12.03 -0.51 -6.30
C GLY B 81 -13.34 -0.39 -5.55
N ILE B 82 -13.52 -1.19 -4.46
CA ILE B 82 -14.73 -1.18 -3.62
C ILE B 82 -14.93 0.23 -2.99
N ILE B 83 -13.82 0.84 -2.53
CA ILE B 83 -13.78 2.15 -1.90
C ILE B 83 -14.12 3.24 -2.92
N MET B 84 -13.47 3.22 -4.10
CA MET B 84 -13.69 4.22 -5.16
C MET B 84 -15.10 4.12 -5.80
N LYS B 85 -15.77 2.95 -5.73
CA LYS B 85 -17.12 2.76 -6.30
C LYS B 85 -18.20 3.51 -5.48
N ASP B 86 -17.90 3.80 -4.22
CA ASP B 86 -18.81 4.53 -3.36
C ASP B 86 -18.71 6.05 -3.56
N PHE B 87 -17.64 6.51 -4.24
CA PHE B 87 -17.37 7.92 -4.52
C PHE B 87 -17.96 8.35 -5.86
N SER B 88 -19.22 8.80 -5.83
CA SER B 88 -19.85 9.31 -7.04
C SER B 88 -20.41 10.74 -6.85
N HIS B 89 -20.10 11.62 -7.81
CA HIS B 89 -20.51 13.02 -7.79
C HIS B 89 -20.35 13.61 -9.22
N PRO B 90 -21.22 14.56 -9.65
CA PRO B 90 -21.07 15.16 -10.99
C PRO B 90 -19.67 15.73 -11.32
N ASN B 91 -18.84 16.07 -10.31
CA ASN B 91 -17.53 16.71 -10.51
C ASN B 91 -16.34 15.90 -10.02
N VAL B 92 -16.50 14.57 -9.97
CA VAL B 92 -15.46 13.65 -9.54
C VAL B 92 -15.47 12.56 -10.60
N LEU B 93 -14.29 12.16 -11.08
CA LEU B 93 -14.21 11.09 -12.06
C LEU B 93 -14.53 9.74 -11.36
N SER B 94 -15.66 9.13 -11.73
CA SER B 94 -16.18 7.90 -11.15
C SER B 94 -15.43 6.66 -11.65
N LEU B 95 -15.55 5.52 -10.93
CA LEU B 95 -15.01 4.26 -11.38
C LEU B 95 -16.20 3.54 -11.99
N LEU B 96 -16.12 3.17 -13.29
CA LEU B 96 -17.24 2.46 -13.93
C LEU B 96 -17.19 1.02 -13.48
N GLY B 97 -15.98 0.50 -13.31
CA GLY B 97 -15.76 -0.86 -12.84
C GLY B 97 -14.36 -1.39 -13.10
N ILE B 98 -14.12 -2.64 -12.69
CA ILE B 98 -12.82 -3.31 -12.85
C ILE B 98 -13.01 -4.67 -13.55
N CYS B 99 -11.93 -5.21 -14.16
CA CYS B 99 -11.92 -6.51 -14.82
C CYS B 99 -10.81 -7.38 -14.30
N LEU B 100 -11.10 -8.69 -14.10
CA LEU B 100 -10.10 -9.66 -13.61
C LEU B 100 -9.99 -10.86 -14.54
N SER B 105 -3.73 -9.63 -16.53
CA SER B 105 -3.59 -8.19 -16.28
C SER B 105 -4.94 -7.51 -15.94
N PRO B 106 -5.15 -7.03 -14.69
CA PRO B 106 -6.43 -6.38 -14.35
C PRO B 106 -6.71 -5.05 -15.06
N LEU B 107 -7.98 -4.78 -15.32
CA LEU B 107 -8.37 -3.55 -16.02
C LEU B 107 -9.15 -2.58 -15.14
N VAL B 108 -8.98 -1.27 -15.40
CA VAL B 108 -9.71 -0.21 -14.69
C VAL B 108 -10.55 0.52 -15.73
N VAL B 109 -11.86 0.48 -15.58
CA VAL B 109 -12.77 1.13 -16.54
C VAL B 109 -13.24 2.48 -15.99
N LEU B 110 -12.93 3.53 -16.75
CA LEU B 110 -13.25 4.90 -16.42
C LEU B 110 -14.10 5.51 -17.51
N PRO B 111 -14.89 6.57 -17.21
CA PRO B 111 -15.65 7.23 -18.29
C PRO B 111 -14.70 7.92 -19.28
N TYR B 112 -15.13 8.01 -20.55
CA TYR B 112 -14.40 8.71 -21.59
C TYR B 112 -14.62 10.23 -21.44
N MET B 113 -13.52 10.96 -21.43
CA MET B 113 -13.45 12.40 -21.25
C MET B 113 -13.01 13.05 -22.54
N LYS B 114 -13.96 13.44 -23.39
CA LYS B 114 -13.71 14.02 -24.72
C LYS B 114 -12.60 15.08 -24.79
N HIS B 115 -12.59 16.07 -23.89
CA HIS B 115 -11.57 17.11 -24.01
C HIS B 115 -10.25 16.85 -23.25
N GLY B 116 -10.16 15.70 -22.59
CA GLY B 116 -8.97 15.30 -21.85
C GLY B 116 -8.80 16.06 -20.55
N ASP B 117 -7.56 16.47 -20.23
CA ASP B 117 -7.29 17.19 -19.00
C ASP B 117 -7.51 18.69 -19.14
N LEU B 118 -7.93 19.31 -18.03
CA LEU B 118 -8.30 20.72 -17.92
C LEU B 118 -7.18 21.68 -18.30
N ARG B 119 -5.94 21.43 -17.86
CA ARG B 119 -4.78 22.27 -18.15
C ARG B 119 -4.54 22.30 -19.67
N ASN B 120 -4.54 21.11 -20.32
CA ASN B 120 -4.35 20.93 -21.76
C ASN B 120 -5.40 21.73 -22.55
N PHE B 121 -6.67 21.61 -22.18
CA PHE B 121 -7.79 22.31 -22.80
C PHE B 121 -7.62 23.84 -22.75
N ILE B 122 -7.33 24.42 -21.54
CA ILE B 122 -7.20 25.88 -21.34
C ILE B 122 -5.91 26.42 -22.03
N ARG B 123 -4.90 25.57 -22.27
CA ARG B 123 -3.64 25.97 -22.92
C ARG B 123 -3.72 26.04 -24.44
N ASN B 124 -4.56 25.21 -25.07
CA ASN B 124 -4.70 25.20 -26.53
C ASN B 124 -5.28 26.53 -27.05
N GLU B 125 -4.48 27.26 -27.87
CA GLU B 125 -4.84 28.56 -28.47
C GLU B 125 -6.15 28.50 -29.25
N THR B 126 -6.54 27.28 -29.70
CA THR B 126 -7.77 26.97 -30.43
C THR B 126 -9.02 27.29 -29.59
N HIS B 127 -8.96 27.02 -28.27
CA HIS B 127 -10.05 27.28 -27.34
C HIS B 127 -9.88 28.67 -26.73
N ASN B 128 -10.94 29.49 -26.77
CA ASN B 128 -10.92 30.84 -26.20
C ASN B 128 -12.06 30.96 -25.17
N PRO B 129 -12.01 30.24 -24.00
CA PRO B 129 -13.11 30.36 -23.04
C PRO B 129 -13.13 31.72 -22.36
N THR B 130 -14.33 32.23 -22.05
CA THR B 130 -14.48 33.52 -21.39
C THR B 130 -14.02 33.40 -19.93
N VAL B 131 -13.99 34.53 -19.22
CA VAL B 131 -13.61 34.61 -17.82
C VAL B 131 -14.64 33.80 -17.01
N LYS B 132 -15.95 33.98 -17.34
CA LYS B 132 -17.09 33.29 -16.73
C LYS B 132 -16.95 31.75 -16.79
N ASP B 133 -16.53 31.24 -17.95
CA ASP B 133 -16.30 29.82 -18.23
C ASP B 133 -15.19 29.25 -17.34
N LEU B 134 -14.06 29.98 -17.27
CA LEU B 134 -12.94 29.66 -16.40
C LEU B 134 -13.38 29.65 -14.94
N ILE B 135 -14.13 30.67 -14.53
CA ILE B 135 -14.64 30.75 -13.15
C ILE B 135 -15.52 29.50 -12.85
N GLY B 136 -16.39 29.16 -13.80
CA GLY B 136 -17.25 27.98 -13.73
C GLY B 136 -16.48 26.68 -13.61
N PHE B 137 -15.32 26.53 -14.33
CA PHE B 137 -14.52 25.29 -14.16
C PHE B 137 -14.00 25.19 -12.74
N GLY B 138 -13.59 26.34 -12.19
CA GLY B 138 -13.09 26.47 -10.83
C GLY B 138 -14.16 26.11 -9.82
N LEU B 139 -15.39 26.57 -10.05
CA LEU B 139 -16.55 26.25 -9.19
C LEU B 139 -16.89 24.75 -9.27
N GLN B 140 -16.62 24.11 -10.40
CA GLN B 140 -16.90 22.68 -10.54
C GLN B 140 -15.84 21.87 -9.78
N VAL B 141 -14.59 22.34 -9.81
CA VAL B 141 -13.51 21.70 -9.06
C VAL B 141 -13.85 21.79 -7.56
N ALA B 142 -14.24 23.00 -7.08
CA ALA B 142 -14.64 23.26 -5.70
C ALA B 142 -15.82 22.37 -5.30
N LYS B 143 -16.83 22.20 -6.19
CA LYS B 143 -18.01 21.35 -5.88
C LYS B 143 -17.63 19.90 -5.66
N GLY B 144 -16.70 19.41 -6.49
CA GLY B 144 -16.16 18.06 -6.46
C GLY B 144 -15.31 17.86 -5.24
N MET B 145 -14.47 18.87 -4.89
CA MET B 145 -13.63 18.82 -3.69
C MET B 145 -14.45 18.98 -2.41
N LYS B 146 -15.63 19.62 -2.51
CA LYS B 146 -16.53 19.75 -1.35
C LYS B 146 -17.06 18.35 -1.06
N TYR B 147 -17.37 17.62 -2.13
CA TYR B 147 -17.82 16.23 -2.00
C TYR B 147 -16.73 15.32 -1.40
N LEU B 148 -15.50 15.37 -1.92
CA LEU B 148 -14.41 14.53 -1.39
C LEU B 148 -14.10 14.77 0.10
N ALA B 149 -14.10 16.05 0.48
CA ALA B 149 -13.85 16.54 1.84
C ALA B 149 -14.95 16.12 2.80
N SER B 150 -16.23 16.08 2.34
CA SER B 150 -17.39 15.63 3.14
C SER B 150 -17.24 14.16 3.56
N LYS B 151 -16.48 13.37 2.74
CA LYS B 151 -16.20 11.95 2.96
C LYS B 151 -14.82 11.82 3.55
N LYS B 152 -14.26 12.92 4.10
CA LYS B 152 -12.93 12.96 4.72
C LYS B 152 -11.80 12.42 3.79
N PHE B 153 -11.97 12.60 2.47
CA PHE B 153 -10.96 12.15 1.50
C PHE B 153 -9.98 13.30 1.20
N VAL B 154 -8.68 13.07 1.45
CA VAL B 154 -7.62 14.03 1.18
C VAL B 154 -7.08 13.67 -0.19
N HIS B 155 -7.12 14.63 -1.14
CA HIS B 155 -6.65 14.43 -2.50
C HIS B 155 -5.12 14.27 -2.63
N ARG B 156 -4.35 15.26 -2.11
CA ARG B 156 -2.87 15.31 -2.08
C ARG B 156 -2.20 15.81 -3.37
N ASP B 157 -2.87 15.69 -4.55
CA ASP B 157 -2.25 16.12 -5.82
C ASP B 157 -3.22 16.89 -6.72
N LEU B 158 -3.87 17.89 -6.15
CA LEU B 158 -4.85 18.68 -6.86
C LEU B 158 -4.16 19.74 -7.69
N ALA B 159 -4.43 19.73 -9.02
CA ALA B 159 -3.89 20.65 -10.03
C ALA B 159 -4.77 20.55 -11.26
N ALA B 160 -4.67 21.55 -12.18
CA ALA B 160 -5.45 21.59 -13.42
C ALA B 160 -5.17 20.38 -14.30
N ARG B 161 -3.91 19.91 -14.31
CA ARG B 161 -3.53 18.74 -15.09
C ARG B 161 -4.29 17.48 -14.60
N ASN B 162 -4.63 17.43 -13.30
CA ASN B 162 -5.30 16.30 -12.67
C ASN B 162 -6.85 16.43 -12.65
N CYS B 163 -7.42 17.31 -13.49
CA CYS B 163 -8.86 17.47 -13.65
C CYS B 163 -9.20 17.18 -15.11
N MET B 164 -10.34 16.51 -15.37
CA MET B 164 -10.71 16.12 -16.75
C MET B 164 -11.95 16.85 -17.19
N LEU B 165 -12.10 17.02 -18.51
CA LEU B 165 -13.26 17.71 -19.09
C LEU B 165 -14.04 16.77 -20.01
N ASP B 166 -15.36 16.61 -19.77
CA ASP B 166 -16.20 15.78 -20.63
C ASP B 166 -16.82 16.58 -21.78
N GLU B 167 -17.63 15.92 -22.65
CA GLU B 167 -18.27 16.50 -23.83
C GLU B 167 -19.24 17.66 -23.50
N LYS B 168 -19.88 17.65 -22.31
CA LYS B 168 -20.79 18.71 -21.84
C LYS B 168 -20.00 19.76 -21.03
N PHE B 169 -18.66 19.80 -21.21
CA PHE B 169 -17.74 20.70 -20.52
C PHE B 169 -17.91 20.64 -18.99
N THR B 170 -18.12 19.44 -18.46
CA THR B 170 -18.23 19.15 -17.04
C THR B 170 -16.86 18.73 -16.62
N VAL B 171 -16.33 19.38 -15.59
CA VAL B 171 -15.01 19.08 -15.03
C VAL B 171 -15.17 17.97 -14.01
N LYS B 172 -14.29 16.99 -14.07
CA LYS B 172 -14.24 15.88 -13.10
C LYS B 172 -12.88 15.90 -12.44
N VAL B 173 -12.87 16.00 -11.10
CA VAL B 173 -11.68 15.89 -10.27
C VAL B 173 -11.29 14.40 -10.38
N ALA B 174 -10.06 14.16 -10.86
CA ALA B 174 -9.55 12.82 -11.06
C ALA B 174 -8.23 12.69 -10.31
N ASP B 175 -7.40 11.69 -10.67
CA ASP B 175 -6.08 11.35 -10.14
C ASP B 175 -6.12 10.85 -8.66
N PHE B 176 -7.18 10.15 -8.29
CA PHE B 176 -7.30 9.57 -6.94
C PHE B 176 -7.81 8.12 -7.07
N GLY B 177 -7.67 7.31 -6.03
CA GLY B 177 -8.09 5.92 -6.06
C GLY B 177 -7.38 5.11 -7.14
N LEU B 178 -8.16 4.42 -7.98
CA LEU B 178 -7.61 3.63 -9.07
C LEU B 178 -7.23 4.45 -10.31
N ALA B 179 -7.68 5.73 -10.36
CA ALA B 179 -7.34 6.69 -11.42
C ALA B 179 -6.01 7.42 -11.15
N ARG B 180 -5.32 7.07 -10.05
CA ARG B 180 -4.06 7.73 -9.68
C ARG B 180 -2.91 7.27 -10.59
N ASP B 181 -1.77 8.03 -10.62
CA ASP B 181 -0.60 7.78 -11.47
C ASP B 181 -0.96 7.87 -12.96
N MET B 182 -1.86 8.83 -13.26
CA MET B 182 -2.43 9.18 -14.55
C MET B 182 -1.38 9.32 -15.68
N TYR B 183 -0.24 9.94 -15.37
CA TYR B 183 0.81 10.23 -16.34
C TYR B 183 2.09 9.35 -16.22
N ASP B 184 2.05 8.28 -15.40
CA ASP B 184 3.19 7.38 -15.22
C ASP B 184 3.37 6.47 -16.44
N LYS B 185 4.11 6.97 -17.45
CA LYS B 185 4.39 6.26 -18.71
C LYS B 185 5.84 5.75 -18.76
N GLU B 186 6.01 4.40 -18.80
CA GLU B 186 7.30 3.72 -18.87
C GLU B 186 8.00 3.93 -20.22
N TYR B 187 9.33 3.67 -20.28
CA TYR B 187 10.11 3.85 -21.51
C TYR B 187 11.21 2.78 -21.74
N TYR B 188 12.11 3.01 -22.72
CA TYR B 188 13.20 2.08 -23.10
C TYR B 188 14.56 2.49 -22.53
N PRO B 199 4.96 17.69 -6.70
CA PRO B 199 4.03 18.79 -7.01
C PRO B 199 4.24 19.94 -6.01
N VAL B 200 5.53 20.20 -5.66
CA VAL B 200 5.95 21.14 -4.63
C VAL B 200 5.31 22.52 -4.81
N LYS B 201 5.17 23.01 -6.08
CA LYS B 201 4.63 24.34 -6.37
C LYS B 201 3.11 24.48 -6.14
N TRP B 202 2.46 23.37 -5.80
CA TRP B 202 1.03 23.30 -5.52
C TRP B 202 0.81 22.93 -4.07
N MET B 203 1.88 22.56 -3.36
CA MET B 203 1.76 22.12 -1.98
C MET B 203 1.72 23.25 -0.96
N ALA B 204 0.87 23.09 0.07
CA ALA B 204 0.81 24.02 1.18
C ALA B 204 2.14 24.08 1.90
N LEU B 205 2.47 25.26 2.42
CA LEU B 205 3.67 25.53 3.18
C LEU B 205 3.96 24.48 4.28
N GLU B 206 2.93 24.07 5.06
CA GLU B 206 3.08 23.03 6.11
C GLU B 206 3.31 21.63 5.53
N SER B 207 2.75 21.32 4.34
CA SER B 207 2.92 20.06 3.65
C SER B 207 4.35 19.97 3.09
N LEU B 208 4.95 21.13 2.80
CA LEU B 208 6.34 21.24 2.33
C LEU B 208 7.30 21.04 3.50
N GLN B 209 6.92 21.52 4.70
CA GLN B 209 7.70 21.43 5.94
C GLN B 209 7.57 20.10 6.69
N THR B 210 6.33 19.55 6.82
CA THR B 210 6.01 18.34 7.61
C THR B 210 5.80 17.04 6.81
N GLN B 211 5.46 17.12 5.49
CA GLN B 211 5.20 15.97 4.58
C GLN B 211 3.81 15.33 4.87
N LYS B 212 2.93 16.10 5.48
CA LYS B 212 1.57 15.69 5.82
C LYS B 212 0.56 16.47 4.97
N PHE B 213 -0.54 15.81 4.64
CA PHE B 213 -1.58 16.42 3.80
C PHE B 213 -2.88 16.35 4.52
N THR B 214 -3.69 17.43 4.42
CA THR B 214 -5.03 17.55 5.00
C THR B 214 -5.97 18.14 3.95
N THR B 215 -7.26 18.27 4.27
CA THR B 215 -8.24 18.96 3.43
C THR B 215 -7.76 20.44 3.28
N LYS B 216 -7.26 21.07 4.40
CA LYS B 216 -6.79 22.46 4.34
C LYS B 216 -5.58 22.62 3.45
N SER B 217 -4.77 21.57 3.31
CA SER B 217 -3.66 21.59 2.36
C SER B 217 -4.20 21.40 0.93
N ASP B 218 -5.40 20.75 0.78
CA ASP B 218 -6.06 20.64 -0.54
C ASP B 218 -6.60 22.03 -0.95
N VAL B 219 -7.05 22.85 0.04
CA VAL B 219 -7.56 24.20 -0.17
C VAL B 219 -6.45 25.07 -0.73
N TRP B 220 -5.20 24.92 -0.22
CA TRP B 220 -4.05 25.66 -0.75
C TRP B 220 -3.88 25.31 -2.18
N SER B 221 -3.75 23.97 -2.51
CA SER B 221 -3.61 23.46 -3.87
C SER B 221 -4.75 23.96 -4.78
N PHE B 222 -5.97 24.14 -4.20
CA PHE B 222 -7.12 24.63 -4.95
C PHE B 222 -6.92 26.09 -5.40
N GLY B 223 -6.35 26.92 -4.52
CA GLY B 223 -6.01 28.30 -4.83
C GLY B 223 -5.11 28.42 -6.04
N VAL B 224 -4.07 27.55 -6.13
CA VAL B 224 -3.09 27.48 -7.24
C VAL B 224 -3.79 27.02 -8.53
N LEU B 225 -4.70 26.00 -8.44
CA LEU B 225 -5.54 25.54 -9.55
C LEU B 225 -6.39 26.74 -10.08
N LEU B 226 -6.98 27.56 -9.16
CA LEU B 226 -7.73 28.78 -9.53
C LEU B 226 -6.85 29.71 -10.35
N TRP B 227 -5.61 29.97 -9.85
CA TRP B 227 -4.59 30.78 -10.51
C TRP B 227 -4.27 30.22 -11.89
N GLU B 228 -4.03 28.88 -12.02
CA GLU B 228 -3.79 28.20 -13.30
C GLU B 228 -4.92 28.49 -14.30
N LEU B 229 -6.20 28.41 -13.85
CA LEU B 229 -7.38 28.66 -14.69
C LEU B 229 -7.44 30.10 -15.20
N MET B 230 -7.09 31.09 -14.36
CA MET B 230 -7.15 32.50 -14.79
C MET B 230 -5.95 32.88 -15.71
N THR B 231 -4.82 32.14 -15.66
CA THR B 231 -3.64 32.42 -16.51
C THR B 231 -3.66 31.56 -17.75
N ARG B 232 -4.70 30.73 -17.88
CA ARG B 232 -4.94 29.75 -18.94
C ARG B 232 -3.77 28.72 -19.08
N GLY B 233 -3.35 28.18 -17.93
CA GLY B 233 -2.35 27.13 -17.88
C GLY B 233 -0.89 27.53 -17.76
N ALA B 234 -0.59 28.76 -17.34
CA ALA B 234 0.80 29.18 -17.14
C ALA B 234 1.43 28.42 -15.96
N PRO B 235 2.76 28.15 -15.99
CA PRO B 235 3.39 27.49 -14.83
C PRO B 235 3.51 28.44 -13.61
N PRO B 236 3.13 27.98 -12.39
CA PRO B 236 3.25 28.86 -11.21
C PRO B 236 4.72 29.01 -10.81
N TYR B 237 5.11 30.18 -10.26
CA TYR B 237 6.51 30.50 -9.88
C TYR B 237 7.54 30.01 -10.96
N PRO B 238 7.47 30.48 -12.24
CA PRO B 238 8.43 29.99 -13.25
C PRO B 238 9.90 30.36 -12.94
N ASP B 239 10.12 31.47 -12.22
CA ASP B 239 11.45 31.94 -11.83
C ASP B 239 12.01 31.33 -10.53
N VAL B 240 11.16 30.63 -9.73
CA VAL B 240 11.57 30.05 -8.43
C VAL B 240 11.84 28.54 -8.53
N ASN B 241 12.94 28.08 -7.94
CA ASN B 241 13.36 26.67 -7.88
C ASN B 241 12.47 25.92 -6.88
N THR B 242 12.31 24.58 -7.05
CA THR B 242 11.51 23.76 -6.12
C THR B 242 12.11 23.75 -4.73
N PHE B 243 13.43 23.83 -4.63
CA PHE B 243 14.09 23.91 -3.33
C PHE B 243 13.78 25.26 -2.65
N ASP B 244 13.72 26.36 -3.43
CA ASP B 244 13.54 27.72 -2.91
C ASP B 244 12.12 28.11 -2.61
N ILE B 245 11.13 27.31 -3.06
CA ILE B 245 9.71 27.58 -2.84
C ILE B 245 9.37 27.78 -1.36
N THR B 246 9.98 27.00 -0.45
CA THR B 246 9.75 27.10 1.00
C THR B 246 10.14 28.48 1.58
N VAL B 247 11.39 28.95 1.32
CA VAL B 247 11.86 30.27 1.78
C VAL B 247 10.96 31.38 1.16
N TYR B 248 10.66 31.25 -0.13
CA TYR B 248 9.80 32.18 -0.89
C TYR B 248 8.41 32.36 -0.23
N LEU B 249 7.75 31.25 0.18
CA LEU B 249 6.42 31.32 0.83
C LEU B 249 6.52 31.79 2.28
N LEU B 250 7.66 31.48 2.97
CA LEU B 250 7.93 31.91 4.35
C LEU B 250 8.11 33.42 4.44
N GLN B 251 8.64 34.05 3.38
CA GLN B 251 8.86 35.49 3.27
C GLN B 251 7.55 36.27 3.00
N GLY B 252 6.45 35.56 2.82
CA GLY B 252 5.15 36.16 2.54
C GLY B 252 4.90 36.38 1.07
N ARG B 253 5.76 35.87 0.20
CA ARG B 253 5.56 36.02 -1.25
C ARG B 253 4.48 35.04 -1.73
N ARG B 254 3.61 35.49 -2.63
CA ARG B 254 2.50 34.64 -3.15
C ARG B 254 2.31 34.91 -4.65
N LEU B 255 1.61 34.00 -5.39
CA LEU B 255 1.33 34.20 -6.82
C LEU B 255 0.56 35.50 -7.02
N LEU B 256 0.84 36.22 -8.12
CA LEU B 256 0.24 37.54 -8.37
C LEU B 256 -1.02 37.48 -9.18
N GLN B 257 -1.90 38.47 -8.96
CA GLN B 257 -3.16 38.58 -9.67
C GLN B 257 -2.97 38.46 -11.20
N PRO B 258 -3.56 37.41 -11.82
CA PRO B 258 -3.48 37.30 -13.29
C PRO B 258 -4.32 38.42 -13.88
N GLU B 259 -3.89 38.96 -15.02
CA GLU B 259 -4.50 40.09 -15.70
C GLU B 259 -6.06 40.08 -15.68
N TYR B 260 -6.69 39.04 -16.23
CA TYR B 260 -8.16 39.00 -16.35
C TYR B 260 -8.90 38.34 -15.16
N CYS B 261 -8.28 38.35 -13.97
CA CYS B 261 -8.91 37.76 -12.79
C CYS B 261 -9.64 38.82 -11.93
N PRO B 262 -10.96 38.67 -11.72
CA PRO B 262 -11.68 39.62 -10.85
C PRO B 262 -11.06 39.74 -9.45
N ASP B 263 -11.20 40.92 -8.82
CA ASP B 263 -10.65 41.20 -7.48
C ASP B 263 -11.27 40.31 -6.40
N PRO B 264 -12.63 40.10 -6.37
CA PRO B 264 -13.20 39.22 -5.34
C PRO B 264 -12.65 37.79 -5.40
N LEU B 265 -12.39 37.28 -6.63
CA LEU B 265 -11.84 35.95 -6.85
C LEU B 265 -10.36 35.84 -6.46
N TYR B 266 -9.57 36.91 -6.69
CA TYR B 266 -8.16 36.91 -6.30
C TYR B 266 -8.06 36.90 -4.76
N GLU B 267 -9.02 37.55 -4.09
CA GLU B 267 -9.14 37.58 -2.63
C GLU B 267 -9.44 36.17 -2.12
N VAL B 268 -10.22 35.41 -2.90
CA VAL B 268 -10.53 33.99 -2.61
C VAL B 268 -9.23 33.15 -2.69
N MET B 269 -8.44 33.29 -3.78
CA MET B 269 -7.14 32.60 -3.95
C MET B 269 -6.16 32.88 -2.80
N LEU B 270 -6.08 34.17 -2.37
CA LEU B 270 -5.17 34.58 -1.29
C LEU B 270 -5.54 33.97 0.02
N LYS B 271 -6.83 33.72 0.27
CA LYS B 271 -7.34 33.11 1.50
C LYS B 271 -6.91 31.65 1.57
N CYS B 272 -6.79 31.00 0.39
CA CYS B 272 -6.35 29.62 0.23
C CYS B 272 -4.90 29.48 0.63
N TRP B 273 -4.09 30.55 0.42
CA TRP B 273 -2.67 30.51 0.70
C TRP B 273 -2.26 31.14 2.02
N HIS B 274 -3.19 31.13 2.99
CA HIS B 274 -2.89 31.65 4.31
C HIS B 274 -1.88 30.68 4.96
N PRO B 275 -0.76 31.15 5.57
CA PRO B 275 0.21 30.21 6.16
C PRO B 275 -0.37 29.32 7.27
N LYS B 276 -1.49 29.77 7.89
CA LYS B 276 -2.20 29.03 8.93
C LYS B 276 -3.37 28.31 8.26
N ALA B 277 -3.29 26.97 8.22
CA ALA B 277 -4.29 26.08 7.61
C ALA B 277 -5.72 26.33 8.09
N GLU B 278 -5.89 26.46 9.43
CA GLU B 278 -7.18 26.72 10.08
C GLU B 278 -7.78 28.10 9.72
N MET B 279 -7.03 28.93 9.02
CA MET B 279 -7.51 30.26 8.58
C MET B 279 -8.02 30.22 7.14
N ARG B 280 -7.72 29.13 6.39
CA ARG B 280 -8.13 28.95 4.99
C ARG B 280 -9.62 28.57 4.95
N PRO B 281 -10.38 29.00 3.92
CA PRO B 281 -11.78 28.56 3.83
C PRO B 281 -11.91 27.06 3.59
N SER B 282 -13.04 26.48 4.01
CA SER B 282 -13.37 25.09 3.73
C SER B 282 -13.88 25.09 2.26
N PHE B 283 -13.94 23.91 1.62
CA PHE B 283 -14.43 23.82 0.25
C PHE B 283 -15.88 24.24 0.16
N SER B 284 -16.65 24.06 1.22
CA SER B 284 -18.05 24.48 1.27
C SER B 284 -18.13 26.01 1.10
N GLU B 285 -17.28 26.78 1.85
CA GLU B 285 -17.15 28.24 1.79
C GLU B 285 -16.71 28.70 0.42
N LEU B 286 -15.74 27.98 -0.18
CA LEU B 286 -15.25 28.29 -1.53
C LEU B 286 -16.38 28.12 -2.56
N VAL B 287 -17.20 27.10 -2.43
CA VAL B 287 -18.33 26.89 -3.35
C VAL B 287 -19.28 28.12 -3.23
N SER B 288 -19.67 28.49 -1.99
CA SER B 288 -20.55 29.62 -1.68
C SER B 288 -20.03 30.90 -2.32
N ARG B 289 -18.80 31.26 -1.96
CA ARG B 289 -18.15 32.47 -2.42
C ARG B 289 -17.92 32.49 -3.90
N ILE B 290 -17.42 31.38 -4.48
CA ILE B 290 -17.17 31.30 -5.92
C ILE B 290 -18.48 31.31 -6.71
N SER B 291 -19.53 30.64 -6.22
CA SER B 291 -20.80 30.61 -6.97
C SER B 291 -21.44 31.98 -7.02
N ALA B 292 -21.34 32.74 -5.89
CA ALA B 292 -21.84 34.10 -5.82
C ALA B 292 -21.10 35.00 -6.83
N ILE B 293 -19.73 34.86 -6.96
CA ILE B 293 -18.93 35.60 -7.94
C ILE B 293 -19.35 35.18 -9.33
N PHE B 294 -19.42 33.84 -9.59
CA PHE B 294 -19.80 33.29 -10.89
C PHE B 294 -21.09 33.95 -11.40
N SER B 295 -22.10 34.02 -10.51
CA SER B 295 -23.41 34.60 -10.77
C SER B 295 -23.45 36.13 -11.08
N THR B 296 -22.29 36.83 -11.14
CA THR B 296 -22.22 38.28 -11.43
C THR B 296 -21.95 38.56 -12.91
N PHE B 297 -21.64 37.50 -13.69
CA PHE B 297 -21.30 37.59 -15.11
C PHE B 297 -22.43 37.16 -16.06
N ILE B 298 -22.45 37.75 -17.26
CA ILE B 298 -23.42 37.44 -18.32
C ILE B 298 -22.81 36.34 -19.23
N GLY B 299 -23.63 35.36 -19.60
CA GLY B 299 -23.23 34.23 -20.45
C1 SW5 C . 4.33 -9.03 15.00
C2 SW5 C . 5.03 -9.82 15.88
C3 SW5 C . 4.84 -9.70 17.26
C7 SW5 C . 4.19 -12.97 20.70
C8 SW5 C . 5.24 -13.53 22.62
C9 SW5 C . 6.33 -12.70 22.33
C10 SW5 C . 6.32 -11.98 21.14
C11 SW5 C . 5.21 -12.12 20.30
C12 SW5 C . 7.49 -12.59 23.25
C13 SW5 C . 8.54 -11.65 23.27
C14 SW5 C . 7.79 -13.45 24.29
C15 SW5 C . 9.61 -13.64 26.03
C16 SW5 C . 10.95 -14.27 25.67
C19 SW5 C . 9.75 -12.75 27.26
C20 SW5 C . 3.95 -8.75 17.73
C21 SW5 C . 3.24 -7.93 16.86
F SW5 C . 2.77 -7.32 14.63
C SW5 C . 3.45 -8.11 15.50
C4 SW5 C . 5.63 -10.58 18.21
C5 SW5 C . 4.82 -11.56 19.03
N SW5 C . 3.21 -12.96 19.74
C6 SW5 C . 3.60 -12.11 18.73
N1 SW5 C . 4.16 -13.68 21.83
N3 SW5 C . 8.93 -13.00 24.85
N2 SW5 C . 9.41 -11.88 24.24
C18 SW5 C . 10.36 -13.53 28.41
N4 SW5 C . 11.66 -14.12 28.02
C17 SW5 C . 11.51 -15.02 26.86
C1 SW5 D . -6.68 7.78 -14.77
C2 SW5 D . -7.09 8.67 -15.74
C3 SW5 D . -6.79 8.45 -17.08
C7 SW5 D . -10.30 9.46 -20.22
C8 SW5 D . -10.39 10.51 -22.22
C9 SW5 D . -9.06 10.92 -22.12
C10 SW5 D . -8.34 10.58 -20.98
C11 SW5 D . -8.97 9.82 -20.01
C12 SW5 D . -8.41 11.73 -23.18
C13 SW5 D . -7.04 12.03 -23.31
C14 SW5 D . -9.01 12.35 -24.24
C15 SW5 D . -8.22 13.79 -26.19
C16 SW5 D . -8.24 15.27 -25.76
C19 SW5 D . -7.12 13.53 -27.22
C20 SW5 D . -6.08 7.31 -17.43
C21 SW5 D . -5.67 6.41 -16.46
F SW5 D . -5.59 5.78 -14.20
C SW5 D . -5.99 6.67 -15.15
C4 SW5 D . -7.22 9.45 -18.13
C5 SW5 D . -8.58 9.28 -18.75
N SW5 D . -10.73 8.73 -19.15
C6 SW5 D . -9.69 8.62 -18.25
N1 SW5 D . -11.03 9.77 -21.30
N3 SW5 D . -8.03 12.97 -24.93
N2 SW5 D . -6.80 12.79 -24.37
C18 SW5 D . -7.24 14.48 -28.39
N4 SW5 D . -7.22 15.89 -27.92
C17 SW5 D . -8.32 16.18 -26.97
#